data_6PSL
# 
_entry.id   6PSL 
# 
_audit_conform.dict_name       mmcif_pdbx.dic 
_audit_conform.dict_version    5.381 
_audit_conform.dict_location   http://mmcif.pdb.org/dictionaries/ascii/mmcif_pdbx.dic 
# 
loop_
_database_2.database_id 
_database_2.database_code 
_database_2.pdbx_database_accession 
_database_2.pdbx_DOI 
PDB   6PSL         pdb_00006psl 10.2210/pdb6psl/pdb 
WWPDB D_1000242938 ?            ?                   
# 
_pdbx_database_status.status_code                     REL 
_pdbx_database_status.status_code_sf                  REL 
_pdbx_database_status.status_code_mr                  ? 
_pdbx_database_status.entry_id                        6PSL 
_pdbx_database_status.recvd_initial_deposition_date   2019-07-12 
_pdbx_database_status.SG_entry                        N 
_pdbx_database_status.deposit_site                    RCSB 
_pdbx_database_status.process_site                    RCSB 
_pdbx_database_status.status_code_cs                  ? 
_pdbx_database_status.methods_development_category    ? 
_pdbx_database_status.pdb_format_compatible           Y 
_pdbx_database_status.status_code_nmr_data            ? 
# 
loop_
_audit_author.name 
_audit_author.pdbx_ordinal 
_audit_author.identifier_ORCID 
'Nowick, J.S.' 1 0000-0002-2273-1029 
'Yang, H.'     2 0000-0003-2524-2201 
'Pishenko, A.' 3 0000-0001-6893-9733 
'Li, X.'       4 0000-0002-3032-4255 
# 
_citation.abstract                  ? 
_citation.abstract_id_CAS           ? 
_citation.book_id_ISBN              ? 
_citation.book_publisher            ? 
_citation.book_publisher_city       ? 
_citation.book_title                ? 
_citation.coordinate_linkage        ? 
_citation.country                   US 
_citation.database_id_Medline       ? 
_citation.details                   ? 
_citation.id                        primary 
_citation.journal_abbrev            J.Org.Chem. 
_citation.journal_id_ASTM           JOCEAH 
_citation.journal_id_CSD            0035 
_citation.journal_id_ISSN           0022-3263 
_citation.journal_full              ? 
_citation.journal_issue             ? 
_citation.journal_volume            85 
_citation.language                  ? 
_citation.page_first                1331 
_citation.page_last                 1339 
_citation.title                     'Design, Synthesis, and Study of Lactam and Ring-Expanded Analogues of Teixobactin.' 
_citation.year                      2020 
_citation.database_id_CSD           ? 
_citation.pdbx_database_id_DOI      10.1021/acs.joc.9b02631 
_citation.pdbx_database_id_PubMed   31746604 
_citation.unpublished_flag          ? 
# 
loop_
_citation_author.citation_id 
_citation_author.name 
_citation_author.ordinal 
_citation_author.identifier_ORCID 
primary 'Yang, H.'       1 ? 
primary 'Pishenko, A.V.' 2 ? 
primary 'Li, X.'         3 ? 
primary 'Nowick, J.S.'   4 ? 
# 
_cell.angle_alpha                  90.000 
_cell.angle_alpha_esd              ? 
_cell.angle_beta                   90.000 
_cell.angle_beta_esd               ? 
_cell.angle_gamma                  120.000 
_cell.angle_gamma_esd              ? 
_cell.entry_id                     6PSL 
_cell.details                      ? 
_cell.formula_units_Z              ? 
_cell.length_a                     20.024 
_cell.length_a_esd                 ? 
_cell.length_b                     20.024 
_cell.length_b_esd                 ? 
_cell.length_c                     32.328 
_cell.length_c_esd                 ? 
_cell.volume                       11226.081 
_cell.volume_esd                   ? 
_cell.Z_PDB                        6 
_cell.reciprocal_angle_alpha       ? 
_cell.reciprocal_angle_beta        ? 
_cell.reciprocal_angle_gamma       ? 
_cell.reciprocal_angle_alpha_esd   ? 
_cell.reciprocal_angle_beta_esd    ? 
_cell.reciprocal_angle_gamma_esd   ? 
_cell.reciprocal_length_a          ? 
_cell.reciprocal_length_b          ? 
_cell.reciprocal_length_c          ? 
_cell.reciprocal_length_a_esd      ? 
_cell.reciprocal_length_b_esd      ? 
_cell.reciprocal_length_c_esd      ? 
_cell.pdbx_unique_axis             ? 
# 
_symmetry.entry_id                         6PSL 
_symmetry.cell_setting                     ? 
_symmetry.Int_Tables_number                154 
_symmetry.space_group_name_Hall            
;P 32 2"
;
_symmetry.space_group_name_H-M             'P 32 2 1' 
_symmetry.pdbx_full_space_group_name_H-M   ? 
# 
loop_
_entity.id 
_entity.type 
_entity.src_method 
_entity.pdbx_description 
_entity.formula_weight 
_entity.pdbx_number_of_molecules 
_entity.pdbx_ec 
_entity.pdbx_mutation 
_entity.pdbx_fragment 
_entity.details 
1 polymer     syn 'teixobactin analogue' 1276.549 1 ? ? ? ? 
2 non-polymer syn 'CHLORIDE ION'         35.453   1 ? ? ? ? 
3 water       nat water                  18.015   4 ? ? ? ? 
# 
_entity_poly.entity_id                      1 
_entity_poly.type                           'polypeptide(L)' 
_entity_poly.nstd_linkage                   no 
_entity_poly.nstd_monomer                   yes 
_entity_poly.pdbx_seq_one_letter_code       '(ZAE)IS(HJV)(28J)IS(Q3S)ARI' 
_entity_poly.pdbx_seq_one_letter_code_can   XISXXISXARI 
_entity_poly.pdbx_strand_id                 A 
_entity_poly.pdbx_target_identifier         ? 
# 
loop_
_entity_poly_seq.entity_id 
_entity_poly_seq.num 
_entity_poly_seq.mon_id 
_entity_poly_seq.hetero 
1 1  ZAE n 
1 2  ILE n 
1 3  SER n 
1 4  HJV n 
1 5  28J n 
1 6  ILE n 
1 7  SER n 
1 8  Q3S n 
1 9  ALA n 
1 10 ARG n 
1 11 ILE n 
# 
_pdbx_entity_src_syn.entity_id              1 
_pdbx_entity_src_syn.pdbx_src_id            1 
_pdbx_entity_src_syn.pdbx_alt_source_flag   sample 
_pdbx_entity_src_syn.pdbx_beg_seq_num       1 
_pdbx_entity_src_syn.pdbx_end_seq_num       11 
_pdbx_entity_src_syn.organism_scientific    'synthetic construct' 
_pdbx_entity_src_syn.organism_common_name   ? 
_pdbx_entity_src_syn.ncbi_taxonomy_id       32630 
_pdbx_entity_src_syn.details                ? 
# 
_struct_ref.id                         1 
_struct_ref.db_name                    PDB 
_struct_ref.db_code                    6PSL 
_struct_ref.pdbx_db_accession          6PSL 
_struct_ref.pdbx_db_isoform            ? 
_struct_ref.entity_id                  1 
_struct_ref.pdbx_seq_one_letter_code   ? 
_struct_ref.pdbx_align_begin           1 
# 
_struct_ref_seq.align_id                      1 
_struct_ref_seq.ref_id                        1 
_struct_ref_seq.pdbx_PDB_id_code              6PSL 
_struct_ref_seq.pdbx_strand_id                A 
_struct_ref_seq.seq_align_beg                 1 
_struct_ref_seq.pdbx_seq_align_beg_ins_code   ? 
_struct_ref_seq.seq_align_end                 11 
_struct_ref_seq.pdbx_seq_align_end_ins_code   ? 
_struct_ref_seq.pdbx_db_accession             6PSL 
_struct_ref_seq.db_align_beg                  1 
_struct_ref_seq.pdbx_db_align_beg_ins_code    ? 
_struct_ref_seq.db_align_end                  11 
_struct_ref_seq.pdbx_db_align_end_ins_code    ? 
_struct_ref_seq.pdbx_auth_seq_align_beg       1 
_struct_ref_seq.pdbx_auth_seq_align_end       11 
# 
loop_
_chem_comp.id 
_chem_comp.type 
_chem_comp.mon_nstd_flag 
_chem_comp.name 
_chem_comp.pdbx_synonyms 
_chem_comp.formula 
_chem_comp.formula_weight 
28J 'D-peptide linking' . D-alloisoleucine                   ? 'C6 H13 N O2'    131.173 
ALA 'L-peptide linking' y ALANINE                            ? 'C3 H7 N O2'     89.093  
ARG 'L-peptide linking' y ARGININE                           ? 'C6 H15 N4 O2 1' 175.209 
CL  non-polymer         . 'CHLORIDE ION'                     ? 'Cl -1'          35.453  
HJV 'D-peptide linking' . N~2~-methyl-D-glutamine            ? 'C6 H12 N2 O3'   160.171 
HOH non-polymer         . WATER                              ? 'H2 O'           18.015  
ILE 'L-peptide linking' y ISOLEUCINE                         ? 'C6 H13 N O2'    131.173 
Q3S 'L-peptide linking' . '(2R,3S)-2,3-diaminobutanoic acid' ? 'C4 H10 N2 O2'   118.134 
SER 'L-peptide linking' y SERINE                             ? 'C3 H7 N O3'     105.093 
ZAE 'D-peptide linking' . N-methyl-D-phenylalanine           ? 'C10 H13 N O2'   179.216 
# 
_exptl.absorpt_coefficient_mu     ? 
_exptl.absorpt_correction_T_max   ? 
_exptl.absorpt_correction_T_min   ? 
_exptl.absorpt_correction_type    ? 
_exptl.absorpt_process_details    ? 
_exptl.entry_id                   6PSL 
_exptl.crystals_number            1 
_exptl.details                    ? 
_exptl.method                     'X-RAY DIFFRACTION' 
_exptl.method_details             ? 
# 
_exptl_crystal.colour                      ? 
_exptl_crystal.density_diffrn              ? 
_exptl_crystal.density_Matthews            1.43 
_exptl_crystal.density_method              ? 
_exptl_crystal.density_percent_sol         ? 
_exptl_crystal.description                 ? 
_exptl_crystal.F_000                       ? 
_exptl_crystal.id                          1 
_exptl_crystal.preparation                 ? 
_exptl_crystal.size_max                    ? 
_exptl_crystal.size_mid                    ? 
_exptl_crystal.size_min                    ? 
_exptl_crystal.size_rad                    ? 
_exptl_crystal.colour_lustre               ? 
_exptl_crystal.colour_modifier             ? 
_exptl_crystal.colour_primary              ? 
_exptl_crystal.density_meas                ? 
_exptl_crystal.density_meas_esd            ? 
_exptl_crystal.density_meas_gt             ? 
_exptl_crystal.density_meas_lt             ? 
_exptl_crystal.density_meas_temp           ? 
_exptl_crystal.density_meas_temp_esd       ? 
_exptl_crystal.density_meas_temp_gt        ? 
_exptl_crystal.density_meas_temp_lt        ? 
_exptl_crystal.pdbx_crystal_image_url      ? 
_exptl_crystal.pdbx_crystal_image_format   ? 
_exptl_crystal.pdbx_mosaicity              ? 
_exptl_crystal.pdbx_mosaicity_esd          ? 
# 
_exptl_crystal_grow.apparatus       ? 
_exptl_crystal_grow.atmosphere      ? 
_exptl_crystal_grow.crystal_id      1 
_exptl_crystal_grow.details         ? 
_exptl_crystal_grow.method          'VAPOR DIFFUSION, HANGING DROP' 
_exptl_crystal_grow.method_ref      ? 
_exptl_crystal_grow.pH              7.00 
_exptl_crystal_grow.pressure        ? 
_exptl_crystal_grow.pressure_esd    ? 
_exptl_crystal_grow.seeding         ? 
_exptl_crystal_grow.seeding_ref     ? 
_exptl_crystal_grow.temp            298 
_exptl_crystal_grow.temp_details    ? 
_exptl_crystal_grow.temp_esd        ? 
_exptl_crystal_grow.time            ? 
_exptl_crystal_grow.pdbx_details    '0.16 M CaCl2, 0.1 M HEPES Na pH 7.00, 24% PEG 400' 
_exptl_crystal_grow.pdbx_pH_range   ? 
# 
_diffrn.ambient_environment              ? 
_diffrn.ambient_temp                     100 
_diffrn.ambient_temp_details             ? 
_diffrn.ambient_temp_esd                 ? 
_diffrn.crystal_id                       1 
_diffrn.crystal_support                  ? 
_diffrn.crystal_treatment                ? 
_diffrn.details                          ? 
_diffrn.id                               1 
_diffrn.ambient_pressure                 ? 
_diffrn.ambient_pressure_esd             ? 
_diffrn.ambient_pressure_gt              ? 
_diffrn.ambient_pressure_lt              ? 
_diffrn.ambient_temp_gt                  ? 
_diffrn.ambient_temp_lt                  ? 
_diffrn.pdbx_serial_crystal_experiment   N 
# 
_diffrn_detector.details                      ? 
_diffrn_detector.detector                     CCD 
_diffrn_detector.diffrn_id                    1 
_diffrn_detector.type                         'ADSC QUANTUM 315r' 
_diffrn_detector.area_resol_mean              ? 
_diffrn_detector.dtime                        ? 
_diffrn_detector.pdbx_frames_total            ? 
_diffrn_detector.pdbx_collection_time_total   ? 
_diffrn_detector.pdbx_collection_date         2019-04-18 
_diffrn_detector.pdbx_frequency               ? 
# 
_diffrn_radiation.collimation                      ? 
_diffrn_radiation.diffrn_id                        1 
_diffrn_radiation.filter_edge                      ? 
_diffrn_radiation.inhomogeneity                    ? 
_diffrn_radiation.monochromator                    ? 
_diffrn_radiation.polarisn_norm                    ? 
_diffrn_radiation.polarisn_ratio                   ? 
_diffrn_radiation.probe                            ? 
_diffrn_radiation.type                             ? 
_diffrn_radiation.xray_symbol                      ? 
_diffrn_radiation.wavelength_id                    1 
_diffrn_radiation.pdbx_monochromatic_or_laue_m_l   M 
_diffrn_radiation.pdbx_wavelength_list             ? 
_diffrn_radiation.pdbx_wavelength                  ? 
_diffrn_radiation.pdbx_diffrn_protocol             'SINGLE WAVELENGTH' 
_diffrn_radiation.pdbx_analyzer                    ? 
_diffrn_radiation.pdbx_scattering_type             x-ray 
# 
_diffrn_radiation_wavelength.id           1 
_diffrn_radiation_wavelength.wavelength   1.77 
_diffrn_radiation_wavelength.wt           1.0 
# 
_diffrn_source.current                     ? 
_diffrn_source.details                     ? 
_diffrn_source.diffrn_id                   1 
_diffrn_source.power                       ? 
_diffrn_source.size                        ? 
_diffrn_source.source                      SYNCHROTRON 
_diffrn_source.target                      ? 
_diffrn_source.type                        'ALS BEAMLINE 8.2.2' 
_diffrn_source.voltage                     ? 
_diffrn_source.take-off_angle              ? 
_diffrn_source.pdbx_wavelength_list        1.77 
_diffrn_source.pdbx_wavelength             ? 
_diffrn_source.pdbx_synchrotron_beamline   8.2.2 
_diffrn_source.pdbx_synchrotron_site       ALS 
# 
_reflns.B_iso_Wilson_estimate            8.89 
_reflns.entry_id                         6PSL 
_reflns.data_reduction_details           ? 
_reflns.data_reduction_method            ? 
_reflns.d_resolution_high                2.10 
_reflns.d_resolution_low                 15.28 
_reflns.details                          ? 
_reflns.limit_h_max                      ? 
_reflns.limit_h_min                      ? 
_reflns.limit_k_max                      ? 
_reflns.limit_k_min                      ? 
_reflns.limit_l_max                      ? 
_reflns.limit_l_min                      ? 
_reflns.number_all                       ? 
_reflns.number_obs                       535 
_reflns.observed_criterion               ? 
_reflns.observed_criterion_F_max         ? 
_reflns.observed_criterion_F_min         ? 
_reflns.observed_criterion_I_max         ? 
_reflns.observed_criterion_I_min         ? 
_reflns.observed_criterion_sigma_F       ? 
_reflns.observed_criterion_sigma_I       ? 
_reflns.percent_possible_obs             99.7 
_reflns.R_free_details                   ? 
_reflns.Rmerge_F_all                     ? 
_reflns.Rmerge_F_obs                     ? 
_reflns.Friedel_coverage                 ? 
_reflns.number_gt                        ? 
_reflns.threshold_expression             ? 
_reflns.pdbx_redundancy                  45.7 
_reflns.pdbx_Rmerge_I_obs                0.053 
_reflns.pdbx_Rmerge_I_all                ? 
_reflns.pdbx_Rsym_value                  ? 
_reflns.pdbx_netI_over_av_sigmaI         ? 
_reflns.pdbx_netI_over_sigmaI            78.2 
_reflns.pdbx_res_netI_over_av_sigmaI_2   ? 
_reflns.pdbx_res_netI_over_sigmaI_2      ? 
_reflns.pdbx_chi_squared                 ? 
_reflns.pdbx_scaling_rejects             ? 
_reflns.pdbx_d_res_high_opt              ? 
_reflns.pdbx_d_res_low_opt               ? 
_reflns.pdbx_d_res_opt_method            ? 
_reflns.phase_calculation_details        ? 
_reflns.pdbx_Rrim_I_all                  0.053 
_reflns.pdbx_Rpim_I_all                  ? 
_reflns.pdbx_d_opt                       ? 
_reflns.pdbx_number_measured_all         ? 
_reflns.pdbx_diffrn_id                   1 
_reflns.pdbx_ordinal                     1 
_reflns.pdbx_CC_half                     1 
_reflns.pdbx_R_split                     ? 
# 
_reflns_shell.d_res_high                  2.10 
_reflns_shell.d_res_low                   2.35 
_reflns_shell.meanI_over_sigI_all         ? 
_reflns_shell.meanI_over_sigI_obs         52.7 
_reflns_shell.number_measured_all         ? 
_reflns_shell.number_measured_obs         ? 
_reflns_shell.number_possible             ? 
_reflns_shell.number_unique_all           ? 
_reflns_shell.number_unique_obs           144 
_reflns_shell.percent_possible_all        100 
_reflns_shell.percent_possible_obs        ? 
_reflns_shell.Rmerge_F_all                ? 
_reflns_shell.Rmerge_F_obs                ? 
_reflns_shell.Rmerge_I_all                ? 
_reflns_shell.Rmerge_I_obs                0.066 
_reflns_shell.meanI_over_sigI_gt          ? 
_reflns_shell.meanI_over_uI_all           ? 
_reflns_shell.meanI_over_uI_gt            ? 
_reflns_shell.number_measured_gt          ? 
_reflns_shell.number_unique_gt            ? 
_reflns_shell.percent_possible_gt         ? 
_reflns_shell.Rmerge_F_gt                 ? 
_reflns_shell.Rmerge_I_gt                 ? 
_reflns_shell.pdbx_redundancy             33.4 
_reflns_shell.pdbx_Rsym_value             ? 
_reflns_shell.pdbx_chi_squared            ? 
_reflns_shell.pdbx_netI_over_sigmaI_all   ? 
_reflns_shell.pdbx_netI_over_sigmaI_obs   ? 
_reflns_shell.pdbx_Rrim_I_all             0.067 
_reflns_shell.pdbx_Rpim_I_all             ? 
_reflns_shell.pdbx_rejects                ? 
_reflns_shell.pdbx_ordinal                1 
_reflns_shell.pdbx_diffrn_id              1 
_reflns_shell.pdbx_CC_half                0.999 
_reflns_shell.pdbx_R_split                ? 
# 
_refine.aniso_B[1][1]                            ? 
_refine.aniso_B[1][2]                            ? 
_refine.aniso_B[1][3]                            ? 
_refine.aniso_B[2][2]                            ? 
_refine.aniso_B[2][3]                            ? 
_refine.aniso_B[3][3]                            ? 
_refine.B_iso_max                                ? 
_refine.B_iso_mean                               8.89 
_refine.B_iso_min                                ? 
_refine.correlation_coeff_Fo_to_Fc               ? 
_refine.correlation_coeff_Fo_to_Fc_free          ? 
_refine.details                                  ? 
_refine.diff_density_max                         ? 
_refine.diff_density_max_esd                     ? 
_refine.diff_density_min                         ? 
_refine.diff_density_min_esd                     ? 
_refine.diff_density_rms                         ? 
_refine.diff_density_rms_esd                     ? 
_refine.entry_id                                 6PSL 
_refine.pdbx_refine_id                           'X-RAY DIFFRACTION' 
_refine.ls_abs_structure_details                 ? 
_refine.ls_abs_structure_Flack                   ? 
_refine.ls_abs_structure_Flack_esd               ? 
_refine.ls_abs_structure_Rogers                  ? 
_refine.ls_abs_structure_Rogers_esd              ? 
_refine.ls_d_res_high                            2.10 
_refine.ls_d_res_low                             15.28 
_refine.ls_extinction_coef                       ? 
_refine.ls_extinction_coef_esd                   ? 
_refine.ls_extinction_expression                 ? 
_refine.ls_extinction_method                     ? 
_refine.ls_goodness_of_fit_all                   ? 
_refine.ls_goodness_of_fit_all_esd               ? 
_refine.ls_goodness_of_fit_obs                   ? 
_refine.ls_goodness_of_fit_obs_esd               ? 
_refine.ls_hydrogen_treatment                    ? 
_refine.ls_matrix_type                           ? 
_refine.ls_number_constraints                    ? 
_refine.ls_number_parameters                     ? 
_refine.ls_number_reflns_all                     ? 
_refine.ls_number_reflns_obs                     535 
_refine.ls_number_reflns_R_free                  ? 
_refine.ls_number_reflns_R_work                  ? 
_refine.ls_number_restraints                     ? 
_refine.ls_percent_reflns_obs                    99.7 
_refine.ls_percent_reflns_R_free                 ? 
_refine.ls_R_factor_all                          ? 
_refine.ls_R_factor_obs                          ? 
_refine.ls_R_factor_R_free                       0.117 
_refine.ls_R_factor_R_free_error                 ? 
_refine.ls_R_factor_R_free_error_details         ? 
_refine.ls_R_factor_R_work                       0.092 
_refine.ls_R_Fsqd_factor_obs                     ? 
_refine.ls_R_I_factor_obs                        ? 
_refine.ls_redundancy_reflns_all                 ? 
_refine.ls_redundancy_reflns_obs                 ? 
_refine.ls_restrained_S_all                      ? 
_refine.ls_restrained_S_obs                      ? 
_refine.ls_shift_over_esd_max                    ? 
_refine.ls_shift_over_esd_mean                   ? 
_refine.ls_structure_factor_coef                 ? 
_refine.ls_weighting_details                     ? 
_refine.ls_weighting_scheme                      ? 
_refine.ls_wR_factor_all                         ? 
_refine.ls_wR_factor_obs                         ? 
_refine.ls_wR_factor_R_free                      ? 
_refine.ls_wR_factor_R_work                      ? 
_refine.occupancy_max                            ? 
_refine.occupancy_min                            ? 
_refine.solvent_model_details                    ? 
_refine.solvent_model_param_bsol                 ? 
_refine.solvent_model_param_ksol                 ? 
_refine.ls_R_factor_gt                           ? 
_refine.ls_goodness_of_fit_gt                    ? 
_refine.ls_goodness_of_fit_ref                   ? 
_refine.ls_shift_over_su_max                     ? 
_refine.ls_shift_over_su_max_lt                  ? 
_refine.ls_shift_over_su_mean                    ? 
_refine.ls_shift_over_su_mean_lt                 ? 
_refine.pdbx_ls_sigma_I                          ? 
_refine.pdbx_ls_sigma_F                          0.00 
_refine.pdbx_ls_sigma_Fsqd                       ? 
_refine.pdbx_data_cutoff_high_absF               ? 
_refine.pdbx_data_cutoff_high_rms_absF           ? 
_refine.pdbx_data_cutoff_low_absF                ? 
_refine.pdbx_isotropic_thermal_model             ? 
_refine.pdbx_ls_cross_valid_method               NONE 
_refine.pdbx_method_to_determine_struct          SAD 
_refine.pdbx_starting_model                      ? 
_refine.pdbx_stereochemistry_target_values       ? 
_refine.pdbx_R_Free_selection_details            ? 
_refine.pdbx_stereochem_target_val_spec_case     ? 
_refine.pdbx_overall_ESU_R                       ? 
_refine.pdbx_overall_ESU_R_Free                  ? 
_refine.pdbx_solvent_vdw_probe_radii             1.1100 
_refine.pdbx_solvent_ion_probe_radii             ? 
_refine.pdbx_solvent_shrinkage_radii             0.9000 
_refine.pdbx_real_space_R                        ? 
_refine.pdbx_density_correlation                 ? 
_refine.pdbx_pd_number_of_powder_patterns        ? 
_refine.pdbx_pd_number_of_points                 ? 
_refine.pdbx_pd_meas_number_of_points            ? 
_refine.pdbx_pd_proc_ls_prof_R_factor            ? 
_refine.pdbx_pd_proc_ls_prof_wR_factor           ? 
_refine.pdbx_pd_Marquardt_correlation_coeff      ? 
_refine.pdbx_pd_Fsqrd_R_factor                   ? 
_refine.pdbx_pd_ls_matrix_band_width             ? 
_refine.pdbx_overall_phase_error                 6.2054 
_refine.pdbx_overall_SU_R_free_Cruickshank_DPI   ? 
_refine.pdbx_overall_SU_R_free_Blow_DPI          ? 
_refine.pdbx_overall_SU_R_Blow_DPI               ? 
_refine.pdbx_TLS_residual_ADP_flag               ? 
_refine.pdbx_diffrn_id                           1 
_refine.overall_SU_B                             ? 
_refine.overall_SU_ML                            0.1742 
_refine.overall_SU_R_Cruickshank_DPI             ? 
_refine.overall_SU_R_free                        ? 
_refine.overall_FOM_free_R_set                   ? 
_refine.overall_FOM_work_R_set                   ? 
_refine.pdbx_average_fsc_overall                 ? 
_refine.pdbx_average_fsc_work                    ? 
_refine.pdbx_average_fsc_free                    ? 
# 
_refine_hist.pdbx_refine_id                   'X-RAY DIFFRACTION' 
_refine_hist.cycle_id                         LAST 
_refine_hist.details                          ? 
_refine_hist.d_res_high                       2.10 
_refine_hist.d_res_low                        15.28 
_refine_hist.number_atoms_solvent             4 
_refine_hist.number_atoms_total               94 
_refine_hist.number_reflns_all                ? 
_refine_hist.number_reflns_obs                ? 
_refine_hist.number_reflns_R_free             ? 
_refine_hist.number_reflns_R_work             ? 
_refine_hist.R_factor_all                     ? 
_refine_hist.R_factor_obs                     ? 
_refine_hist.R_factor_R_free                  ? 
_refine_hist.R_factor_R_work                  ? 
_refine_hist.pdbx_number_residues_total       ? 
_refine_hist.pdbx_B_iso_mean_ligand           ? 
_refine_hist.pdbx_B_iso_mean_solvent          ? 
_refine_hist.pdbx_number_atoms_protein        89 
_refine_hist.pdbx_number_atoms_nucleic_acid   0 
_refine_hist.pdbx_number_atoms_ligand         1 
_refine_hist.pdbx_number_atoms_lipid          ? 
_refine_hist.pdbx_number_atoms_carb           ? 
_refine_hist.pdbx_pseudo_atom_details         ? 
# 
loop_
_refine_ls_restr.pdbx_refine_id 
_refine_ls_restr.criterion 
_refine_ls_restr.dev_ideal 
_refine_ls_restr.dev_ideal_target 
_refine_ls_restr.number 
_refine_ls_restr.rejects 
_refine_ls_restr.type 
_refine_ls_restr.weight 
_refine_ls_restr.pdbx_restraint_function 
'X-RAY DIFFRACTION' ? 0.0030  ? 90  ? f_bond_d           ? ? 
'X-RAY DIFFRACTION' ? 1.1160  ? 118 ? f_angle_d          ? ? 
'X-RAY DIFFRACTION' ? 0.0690  ? 16  ? f_chiral_restr     ? ? 
'X-RAY DIFFRACTION' ? 0.0019  ? 13  ? f_plane_restr      ? ? 
'X-RAY DIFFRACTION' ? 19.3018 ? 40  ? f_dihedral_angle_d ? ? 
# 
_refine_ls_shell.R_factor_R_free                  0.19 
_refine_ls_shell.R_factor_R_free_error            ? 
_refine_ls_shell.R_factor_R_work                  0.12 
_refine_ls_shell.R_factor_all                     ? 
_refine_ls_shell.R_factor_obs                     ? 
_refine_ls_shell.d_res_high                       2.10 
_refine_ls_shell.d_res_low                        ? 
_refine_ls_shell.number_reflns_R_free             ? 
_refine_ls_shell.number_reflns_R_work             ? 
_refine_ls_shell.number_reflns_all                ? 
_refine_ls_shell.number_reflns_obs                ? 
_refine_ls_shell.pdbx_R_complete                  ? 
_refine_ls_shell.pdbx_fsc_free                    ? 
_refine_ls_shell.pdbx_fsc_work                    ? 
_refine_ls_shell.pdbx_phase_error                 ? 
_refine_ls_shell.pdbx_refine_id                   'X-RAY DIFFRACTION' 
_refine_ls_shell.pdbx_total_number_of_bins_used   ? 
_refine_ls_shell.percent_reflns_R_free            ? 
_refine_ls_shell.percent_reflns_obs               ? 
_refine_ls_shell.redundancy_reflns_all            ? 
_refine_ls_shell.redundancy_reflns_obs            ? 
_refine_ls_shell.wR_factor_R_free                 ? 
_refine_ls_shell.wR_factor_R_work                 ? 
_refine_ls_shell.wR_factor_all                    ? 
_refine_ls_shell.wR_factor_obs                    ? 
# 
_struct.entry_id                     6PSL 
_struct.title                        'Structure of a N-Me-D-Gln4,D-aza-Thr8,Arg10-teixobactin analogue' 
_struct.pdbx_model_details           ? 
_struct.pdbx_formula_weight          ? 
_struct.pdbx_formula_weight_method   ? 
_struct.pdbx_model_type_details      ? 
_struct.pdbx_CASP_flag               N 
# 
_struct_keywords.entry_id        6PSL 
_struct_keywords.text            'antibiotic, teixobactin, azateixobactin' 
_struct_keywords.pdbx_keywords   ANTIBIOTIC 
# 
loop_
_struct_asym.id 
_struct_asym.pdbx_blank_PDB_chainid_flag 
_struct_asym.pdbx_modified 
_struct_asym.entity_id 
_struct_asym.details 
A N N 1 ? 
B N N 2 ? 
C N N 3 ? 
# 
loop_
_struct_conn.id 
_struct_conn.conn_type_id 
_struct_conn.pdbx_leaving_atom_flag 
_struct_conn.pdbx_PDB_id 
_struct_conn.ptnr1_label_asym_id 
_struct_conn.ptnr1_label_comp_id 
_struct_conn.ptnr1_label_seq_id 
_struct_conn.ptnr1_label_atom_id 
_struct_conn.pdbx_ptnr1_label_alt_id 
_struct_conn.pdbx_ptnr1_PDB_ins_code 
_struct_conn.pdbx_ptnr1_standard_comp_id 
_struct_conn.ptnr1_symmetry 
_struct_conn.ptnr2_label_asym_id 
_struct_conn.ptnr2_label_comp_id 
_struct_conn.ptnr2_label_seq_id 
_struct_conn.ptnr2_label_atom_id 
_struct_conn.pdbx_ptnr2_label_alt_id 
_struct_conn.pdbx_ptnr2_PDB_ins_code 
_struct_conn.ptnr1_auth_asym_id 
_struct_conn.ptnr1_auth_comp_id 
_struct_conn.ptnr1_auth_seq_id 
_struct_conn.ptnr2_auth_asym_id 
_struct_conn.ptnr2_auth_comp_id 
_struct_conn.ptnr2_auth_seq_id 
_struct_conn.ptnr2_symmetry 
_struct_conn.pdbx_ptnr3_label_atom_id 
_struct_conn.pdbx_ptnr3_label_seq_id 
_struct_conn.pdbx_ptnr3_label_comp_id 
_struct_conn.pdbx_ptnr3_label_asym_id 
_struct_conn.pdbx_ptnr3_label_alt_id 
_struct_conn.pdbx_ptnr3_PDB_ins_code 
_struct_conn.details 
_struct_conn.pdbx_dist_value 
_struct_conn.pdbx_value_order 
_struct_conn.pdbx_role 
covale1 covale both ? A ZAE 1 C  ? ? ? 1_555 A ILE 2  N ? ? A ZAE 1 A ILE 2  1_555 ? ? ? ? ? ? ? 1.329 ? ? 
covale2 covale both ? A SER 3 C  ? ? ? 1_555 A HJV 4  N ? ? A SER 3 A HJV 4  1_555 ? ? ? ? ? ? ? 1.332 ? ? 
covale3 covale both ? A HJV 4 C  ? ? ? 1_555 A 28J 5  N ? ? A HJV 4 A 28J 5  1_555 ? ? ? ? ? ? ? 1.331 ? ? 
covale4 covale both ? A 28J 5 C  ? ? ? 1_555 A ILE 6  N ? ? A 28J 5 A ILE 6  1_555 ? ? ? ? ? ? ? 1.330 ? ? 
covale5 covale both ? A SER 7 C  ? ? ? 1_555 A Q3S 8  N ? ? A SER 7 A Q3S 8  1_555 ? ? ? ? ? ? ? 1.333 ? ? 
covale6 covale both ? A Q3S 8 C  ? ? ? 1_555 A ALA 9  N ? ? A Q3S 8 A ALA 9  1_555 ? ? ? ? ? ? ? 1.332 ? ? 
covale7 covale one  ? A Q3S 8 N2 ? ? ? 1_555 A ILE 11 C ? ? A Q3S 8 A ILE 11 1_555 ? ? ? ? ? ? ? 1.429 ? ? 
# 
_struct_conn_type.id          covale 
_struct_conn_type.criteria    ? 
_struct_conn_type.reference   ? 
# 
loop_
_struct_site.id 
_struct_site.pdbx_evidence_code 
_struct_site.pdbx_auth_asym_id 
_struct_site.pdbx_auth_comp_id 
_struct_site.pdbx_auth_seq_id 
_struct_site.pdbx_auth_ins_code 
_struct_site.pdbx_num_residues 
_struct_site.details 
AC1 Software A CL  101 ? 7  'binding site for residue CL A 101'                                         
AC2 Software A HJV 4   ? 16 'binding site for Ligand residues HJV A 4 through ILE A 6 bound to SER A 3' 
AC3 Software A Q3S 8   ? 9  'binding site for Ligand residues Q3S A 8 through ALA A 9 bound to SER A 7' 
# 
loop_
_struct_site_gen.id 
_struct_site_gen.site_id 
_struct_site_gen.pdbx_num_res 
_struct_site_gen.label_comp_id 
_struct_site_gen.label_asym_id 
_struct_site_gen.label_seq_id 
_struct_site_gen.pdbx_auth_ins_code 
_struct_site_gen.auth_comp_id 
_struct_site_gen.auth_asym_id 
_struct_site_gen.auth_seq_id 
_struct_site_gen.label_atom_id 
_struct_site_gen.label_alt_id 
_struct_site_gen.symmetry 
_struct_site_gen.details 
1  AC1 7  ZAE A 1  ? ZAE A 1   . ? 4_556 ? 
2  AC1 7  ILE A 6  ? ILE A 6   . ? 1_555 ? 
3  AC1 7  SER A 7  ? SER A 7   . ? 1_555 ? 
4  AC1 7  Q3S A 8  ? Q3S A 8   . ? 1_555 ? 
5  AC1 7  ALA A 9  ? ALA A 9   . ? 1_555 ? 
6  AC1 7  ARG A 10 ? ARG A 10  . ? 1_555 ? 
7  AC1 7  ILE A 11 ? ILE A 11  . ? 1_555 ? 
8  AC2 16 ZAE A 1  ? ZAE A 1   . ? 2_654 ? 
9  AC2 16 ZAE A 1  ? ZAE A 1   . ? 5_566 ? 
10 AC2 16 ZAE A 1  ? ZAE A 1   . ? 4_556 ? 
11 AC2 16 ILE A 2  ? ILE A 2   . ? 2_654 ? 
12 AC2 16 ILE A 2  ? ILE A 2   . ? 4_556 ? 
13 AC2 16 ILE A 2  ? ILE A 2   . ? 1_555 ? 
14 AC2 16 SER A 3  ? SER A 3   . ? 4_556 ? 
15 AC2 16 SER A 3  ? SER A 3   . ? 1_555 ? 
16 AC2 16 SER A 7  ? SER A 7   . ? 3_665 ? 
17 AC2 16 SER A 7  ? SER A 7   . ? 1_555 ? 
18 AC2 16 Q3S A 8  ? Q3S A 8   . ? 1_555 ? 
19 AC2 16 ALA A 9  ? ALA A 9   . ? 3_665 ? 
20 AC2 16 ARG A 10 ? ARG A 10  . ? 5_665 ? 
21 AC2 16 CL  B .  ? CL  A 101 . ? 1_555 ? 
22 AC2 16 HOH C .  ? HOH A 202 . ? 3_665 ? 
23 AC2 16 HOH C .  ? HOH A 204 . ? 3_665 ? 
24 AC3 9  HJV A 4  ? HJV A 4   . ? 2_654 ? 
25 AC3 9  ILE A 6  ? ILE A 6   . ? 1_555 ? 
26 AC3 9  SER A 7  ? SER A 7   . ? 1_555 ? 
27 AC3 9  ARG A 10 ? ARG A 10  . ? 1_555 ? 
28 AC3 9  ARG A 10 ? ARG A 10  . ? 4_555 ? 
29 AC3 9  CL  B .  ? CL  A 101 . ? 1_555 ? 
30 AC3 9  HOH C .  ? HOH A 202 . ? 1_555 ? 
31 AC3 9  HOH C .  ? HOH A 203 . ? 1_555 ? 
32 AC3 9  HOH C .  ? HOH A 204 . ? 1_555 ? 
# 
_atom_sites.entry_id                    6PSL 
_atom_sites.Cartn_transf_matrix[1][1]   ? 
_atom_sites.Cartn_transf_matrix[1][2]   ? 
_atom_sites.Cartn_transf_matrix[1][3]   ? 
_atom_sites.Cartn_transf_matrix[2][1]   ? 
_atom_sites.Cartn_transf_matrix[2][2]   ? 
_atom_sites.Cartn_transf_matrix[2][3]   ? 
_atom_sites.Cartn_transf_matrix[3][1]   ? 
_atom_sites.Cartn_transf_matrix[3][2]   ? 
_atom_sites.Cartn_transf_matrix[3][3]   ? 
_atom_sites.Cartn_transf_vector[1]      ? 
_atom_sites.Cartn_transf_vector[2]      ? 
_atom_sites.Cartn_transf_vector[3]      ? 
_atom_sites.fract_transf_matrix[1][1]   -0.02209301 
_atom_sites.fract_transf_matrix[1][2]   0.04857673 
_atom_sites.fract_transf_matrix[1][3]   -0.02185283 
_atom_sites.fract_transf_matrix[2][1]   0.02425244 
_atom_sites.fract_transf_matrix[2][2]   0.02445062 
_atom_sites.fract_transf_matrix[2][3]   -0.04625315 
_atom_sites.fract_transf_matrix[3][1]   -0.01839447 
_atom_sites.fract_transf_matrix[3][2]   -0.01666883 
_atom_sites.fract_transf_matrix[3][3]   -0.01845655 
_atom_sites.fract_transf_vector[1]      0.700885 
_atom_sites.fract_transf_vector[2]      0.564864 
_atom_sites.fract_transf_vector[3]      0.360915 
_atom_sites.solution_primary            ? 
_atom_sites.solution_secondary          ? 
_atom_sites.solution_hydrogens          ? 
_atom_sites.special_details             ? 
# 
loop_
_atom_type.symbol 
_atom_type.scat_dispersion_real 
_atom_type.scat_dispersion_imag 
_atom_type.scat_Cromer_Mann_a1 
_atom_type.scat_Cromer_Mann_a2 
_atom_type.scat_Cromer_Mann_b1 
_atom_type.scat_Cromer_Mann_b2 
_atom_type.scat_Cromer_Mann_c 
_atom_type.scat_source 
_atom_type.scat_dispersion_source 
C  ? ? 3.54356 2.42580 25.62398 1.50364  0.0 
;2-Gaussian fit: Grosse-Kunstleve RW, Sauter NK, Adams PD: Newsletter of the IUCr Commission on Crystallographic Computing 2004, 3, 22-31.
;
? 
CL ? ? 9.50761 7.44341 1.04373  23.83732 0.0 
;2-Gaussian fit: Grosse-Kunstleve RW, Sauter NK, Adams PD: Newsletter of the IUCr Commission on Crystallographic Computing 2004, 3, 22-31.
;
? 
H  ? ? 0.51345 0.48472 24.73122 6.32584  0.0 
;2-Gaussian fit: Grosse-Kunstleve RW, Sauter NK, Adams PD: Newsletter of the IUCr Commission on Crystallographic Computing 2004, 3, 22-31.
;
? 
N  ? ? 4.01032 2.96436 19.97189 1.75589  0.0 
;2-Gaussian fit: Grosse-Kunstleve RW, Sauter NK, Adams PD: Newsletter of the IUCr Commission on Crystallographic Computing 2004, 3, 22-31.
;
? 
O  ? ? 4.49882 3.47563 15.80542 1.70748  0.0 
;2-Gaussian fit: Grosse-Kunstleve RW, Sauter NK, Adams PD: Newsletter of the IUCr Commission on Crystallographic Computing 2004, 3, 22-31.
;
? 
# 
loop_
_atom_site.group_PDB 
_atom_site.id 
_atom_site.type_symbol 
_atom_site.label_atom_id 
_atom_site.label_alt_id 
_atom_site.label_comp_id 
_atom_site.label_asym_id 
_atom_site.label_entity_id 
_atom_site.label_seq_id 
_atom_site.pdbx_PDB_ins_code 
_atom_site.Cartn_x 
_atom_site.Cartn_y 
_atom_site.Cartn_z 
_atom_site.occupancy 
_atom_site.B_iso_or_equiv 
_atom_site.pdbx_formal_charge 
_atom_site.auth_seq_id 
_atom_site.auth_comp_id 
_atom_site.auth_asym_id 
_atom_site.auth_atom_id 
_atom_site.pdbx_PDB_model_num 
HETATM 1   N  N    . ZAE A 1 1  ? -8.91408  -7.24167 -8.32931  1.000 11.82083 ? 1   ZAE A N    1 
HETATM 2   C  CA   . ZAE A 1 1  ? -8.97712  -5.80040 -8.49346  1.000 14.71079 ? 1   ZAE A CA   1 
HETATM 3   C  C    . ZAE A 1 1  ? -7.65471  -5.17452 -8.04857  1.000 10.64761 ? 1   ZAE A C    1 
HETATM 4   O  O    . ZAE A 1 1  ? -6.54170  -5.66984 -8.36105  1.000 6.81014  ? 1   ZAE A O    1 
HETATM 5   C  CB   . ZAE A 1 1  ? -9.24614  -5.48663 -9.96081  1.000 13.59313 ? 1   ZAE A CB   1 
HETATM 6   C  CG   . ZAE A 1 1  ? -10.61883 -6.00392 -10.39290 1.000 21.45299 ? 1   ZAE A CG   1 
HETATM 7   C  CD1  . ZAE A 1 1  ? -10.71578 -7.02088 -11.32852 1.000 20.82525 ? 1   ZAE A CD1  1 
HETATM 8   C  CD2  . ZAE A 1 1  ? -11.76999 -5.45574 -9.84645  1.000 25.46478 ? 1   ZAE A CD2  1 
HETATM 9   C  CE1  . ZAE A 1 1  ? -11.96153 -7.48855 -11.71901 1.000 23.74966 ? 1   ZAE A CE1  1 
HETATM 10  C  CE2  . ZAE A 1 1  ? -13.01568 -5.92361 -10.23607 1.000 29.93357 ? 1   ZAE A CE2  1 
HETATM 11  C  CZ   . ZAE A 1 1  ? -13.10993 -6.94134 -11.17246 1.000 20.67444 ? 1   ZAE A CZ   1 
HETATM 12  C  C10  . ZAE A 1 1  ? -9.06206  -7.60811 -6.93251  1.000 14.84272 ? 1   ZAE A C10  1 
HETATM 13  H  H    . ZAE A 1 1  ? -8.12486  -7.53117 -8.62157  1.000 14.20115 ? 1   ZAE A H    1 
HETATM 14  H  HA   . ZAE A 1 1  ? -9.69575  -5.43926 -7.95119  1.000 17.66910 ? 1   ZAE A HA   1 
HETATM 15  H  HB2  . ZAE A 1 1  ? -8.56171  -5.90433 -10.50669 1.000 16.32791 ? 1   ZAE A HB2  1 
HETATM 16  H  HB3  . ZAE A 1 1  ? -9.21122  -4.52632 -10.09295 1.000 16.32791 ? 1   ZAE A HB3  1 
HETATM 17  H  HD1  . ZAE A 1 1  ? -9.94494  -7.39020 -11.69501 1.000 25.00645 ? 1   ZAE A HD1  1 
HETATM 18  H  HD2  . ZAE A 1 1  ? -11.70612 -4.77338 -9.21781  1.000 30.57389 ? 1   ZAE A HD2  1 
HETATM 19  H  HE1  . ZAE A 1 1  ? -12.02563 -8.17021 -12.34841 1.000 28.51575 ? 1   ZAE A HE1  1 
HETATM 20  H  HE2  . ZAE A 1 1  ? -13.78696 -5.55511 -9.86965  1.000 35.93644 ? 1   ZAE A HE2  1 
HETATM 21  H  HZ   . ZAE A 1 1  ? -13.94491 -7.25671 -11.43369 1.000 24.82548 ? 1   ZAE A HZ   1 
HETATM 22  H  H11  . ZAE A 1 1  ? -9.92912  -7.31480 -6.61141  1.000 17.82742 ? 1   ZAE A H11  1 
HETATM 23  H  H12  . ZAE A 1 1  ? -8.36337  -7.18301 -6.41096  1.000 17.82742 ? 1   ZAE A H12  1 
HETATM 24  H  H13  . ZAE A 1 1  ? -8.99260  -8.57137 -6.84185  1.000 17.82742 ? 1   ZAE A H13  1 
ATOM   25  N  N    . ILE A 1 2  ? -7.76655  -4.07068 -7.31698  1.000 7.28387  ? 2   ILE A N    1 
ATOM   26  C  CA   . ILE A 1 2  ? -6.60910  -3.43802 -6.69979  1.000 6.58091  ? 2   ILE A CA   1 
ATOM   27  C  C    . ILE A 1 2  ? -6.28219  -4.16588 -5.40447  1.000 8.53290  ? 2   ILE A C    1 
ATOM   28  O  O    . ILE A 1 2  ? -7.15724  -4.41621 -4.57507  1.000 7.65918  ? 2   ILE A O    1 
ATOM   29  C  CB   . ILE A 1 2  ? -6.85180  -1.93977 -6.43765  1.000 8.78297  ? 2   ILE A CB   1 
ATOM   30  C  CG1  . ILE A 1 2  ? -7.24278  -1.22272 -7.73420  1.000 20.18980 ? 2   ILE A CG1  1 
ATOM   31  C  CG2  . ILE A 1 2  ? -5.61221  -1.29657 -5.82400  1.000 12.37801 ? 2   ILE A CG2  1 
ATOM   32  C  CD1  . ILE A 1 2  ? -6.18535  -1.28024 -8.81698  1.000 15.65067 ? 2   ILE A CD1  1 
ATOM   33  H  H    . ILE A 1 2  ? -8.50929  -3.66571 -7.16224  1.000 8.75680  ? 2   ILE A H    1 
ATOM   34  H  HA   . ILE A 1 2  ? -5.85265  -3.50084 -7.30372  1.000 7.91325  ? 2   ILE A HA   1 
ATOM   35  H  HB   . ILE A 1 2  ? -7.58577  -1.85746 -5.80883  1.000 10.55572 ? 2   ILE A HB   1 
ATOM   36  H  HG12 . ILE A 1 2  ? -8.04733  -1.63463 -8.08623  1.000 24.24391 ? 2   ILE A HG12 1 
ATOM   37  H  HG13 . ILE A 1 2  ? -7.40878  -0.28820 -7.53415  1.000 24.24391 ? 2   ILE A HG13 1 
ATOM   38  H  HG21 . ILE A 1 2  ? -4.83952  -1.51920 -6.36648  1.000 14.86977 ? 2   ILE A HG21 1 
ATOM   39  H  HG22 . ILE A 1 2  ? -5.73414  -0.33454 -5.80104  1.000 14.86977 ? 2   ILE A HG22 1 
ATOM   40  H  HG23 . ILE A 1 2  ? -5.49307  -1.63648 -4.92335  1.000 14.86977 ? 2   ILE A HG23 1 
ATOM   41  H  HD11 . ILE A 1 2  ? -6.49804  -0.78527 -9.59037  1.000 18.79696 ? 2   ILE A HD11 1 
ATOM   42  H  HD12 . ILE A 1 2  ? -5.36639  -0.88449 -8.47994  1.000 18.79696 ? 2   ILE A HD12 1 
ATOM   43  H  HD13 . ILE A 1 2  ? -6.03016  -2.20693 -9.05792  1.000 18.79696 ? 2   ILE A HD13 1 
ATOM   44  N  N    . SER A 1 3  ? -5.01302  -4.50823 -5.24206  1.000 7.35420  ? 3   SER A N    1 
ATOM   45  C  CA   . SER A 1 3  ? -4.54389  -5.17254 -4.03909  1.000 7.49998  ? 3   SER A CA   1 
ATOM   46  C  C    . SER A 1 3  ? -3.33571  -4.41311 -3.49868  1.000 10.46500 ? 3   SER A C    1 
ATOM   47  O  O    . SER A 1 3  ? -2.23855  -4.55023 -4.03933  1.000 7.83769  ? 3   SER A O    1 
ATOM   48  C  CB   . SER A 1 3  ? -4.17570  -6.63063 -4.32854  1.000 12.04262 ? 3   SER A CB   1 
ATOM   49  O  OG   . SER A 1 3  ? -5.32506  -7.39117 -4.66797  1.000 14.71493 ? 3   SER A OG   1 
ATOM   50  H  H    . SER A 1 3  ? -4.39544  -4.36429 -5.82299  1.000 8.84119  ? 3   SER A H    1 
ATOM   51  H  HA   . SER A 1 3  ? -5.24316  -5.18862 -3.36703  1.000 9.01613  ? 3   SER A HA   1 
ATOM   52  H  HB2  . SER A 1 3  ? -3.55130  -6.65607 -5.07042  1.000 14.46730 ? 3   SER A HB2  1 
ATOM   53  H  HB3  . SER A 1 3  ? -3.76666  -7.01479 -3.53734  1.000 14.46730 ? 3   SER A HB3  1 
ATOM   54  H  HG   . SER A 1 3  ? -5.25372  -8.17091 -4.36379  1.000 17.67407 ? 3   SER A HG   1 
HETATM 55  C  CN   . HJV A 1 4  ? -4.83952  -3.24885 -1.94708  1.000 10.97059 ? 4   HJV A CN   1 
HETATM 56  N  N    . HJV A 1 4  ? -3.52076  -3.59901 -2.46048  1.000 7.51050  ? 4   HJV A N    1 
HETATM 57  C  CA   . HJV A 1 4  ? -2.37261  -2.92483 -1.87431  1.000 7.26117  ? 4   HJV A CA   1 
HETATM 58  C  CB   . HJV A 1 4  ? -2.38702  -3.00070 -0.34956  1.000 4.97612  ? 4   HJV A CB   1 
HETATM 59  C  CG   . HJV A 1 4  ? -1.06033  -2.49418 0.20970   1.000 8.48743  ? 4   HJV A CG   1 
HETATM 60  C  CD   . HJV A 1 4  ? -0.85668  -2.86294 1.67232   1.000 9.41414  ? 4   HJV A CD   1 
HETATM 61  N  NE2  . HJV A 1 4  ? -1.40705  -2.00289 2.69901   1.000 9.09520  ? 4   HJV A NE2  1 
HETATM 62  O  OE1  . HJV A 1 4  ? -0.24419  -3.83589 1.96299   1.000 9.50506  ? 4   HJV A OE1  1 
HETATM 63  C  C    . HJV A 1 4  ? -2.29318  -1.45723 -2.29711  1.000 6.06542  ? 4   HJV A C    1 
HETATM 64  O  O    . HJV A 1 4  ? -3.31740  -0.72782 -2.30683  1.000 7.03650  ? 4   HJV A O    1 
HETATM 65  H  HN11 . HJV A 1 4  ? -5.19195  -3.98944 -1.42917  1.000 13.18087 ? 4   HJV A HN11 1 
HETATM 66  H  HN12 . HJV A 1 4  ? -5.43560  -3.06032 -2.68872  1.000 13.18087 ? 4   HJV A HN12 1 
HETATM 67  H  HN13 . HJV A 1 4  ? -4.76841  -2.46383 -1.38176  1.000 13.18087 ? 4   HJV A HN13 1 
HETATM 68  H  HA   . HJV A 1 4  ? -1.59107  -3.39215 -2.20854  1.000 8.72956  ? 4   HJV A HA   1 
HETATM 69  H  HB2  . HJV A 1 4  ? -3.11221  -2.45622 -0.00525  1.000 5.98750  ? 4   HJV A HB2  1 
HETATM 70  H  HB1  . HJV A 1 4  ? -2.52499  -3.91999 -0.07253  1.000 5.98750  ? 4   HJV A HB1  1 
HETATM 71  H  HG2  . HJV A 1 4  ? -0.33638  -2.87493 -0.31166  1.000 10.20107 ? 4   HJV A HG2  1 
HETATM 72  H  HG1  . HJV A 1 4  ? -1.03465  -1.52822 0.12509   1.000 10.20107 ? 4   HJV A HG1  1 
HETATM 73  H  H11  . HJV A 1 4  ? -1.29220  -2.19633 3.52906   1.000 10.93039 ? 4   HJV A H11  1 
HETATM 74  H  H10  . HJV A 1 4  ? -1.84877  -1.29865 2.47873   1.000 10.93039 ? 4   HJV A H10  1 
HETATM 75  N  N    . 28J A 1 5  ? -1.08467  -1.03351 -2.65831  1.000 3.64745  ? 5   28J A N    1 
HETATM 76  C  CA   . 28J A 1 5  ? -0.80847  0.36418  -2.93769  1.000 6.57862  ? 5   28J A CA   1 
HETATM 77  C  CB   . 28J A 1 5  ? -0.53304  0.56347  -4.43070  1.000 8.30340  ? 5   28J A CB   1 
HETATM 78  C  CG2  . 28J A 1 5  ? -1.86021  0.57059  -5.18393  1.000 10.66257 ? 5   28J A CG2  1 
HETATM 79  C  CG1  . 28J A 1 5  ? 0.19375   1.88607  -4.67530  1.000 12.90915 ? 5   28J A CG1  1 
HETATM 80  C  CD1  . 28J A 1 5  ? 0.26101   2.25648  -6.15724  1.000 22.81221 ? 5   28J A CD1  1 
HETATM 81  C  C    . 28J A 1 5  ? 0.41945   0.74309  -2.10594  1.000 8.14451  ? 5   28J A C    1 
HETATM 82  O  O    . 28J A 1 5  ? 1.47805   0.07059  -2.20156  1.000 6.82081  ? 5   28J A O    1 
HETATM 83  H  HA   . 28J A 1 5  ? -1.56658  0.92428  -2.70864  1.000 7.91050  ? 5   28J A HA   1 
HETATM 84  H  H22  . 28J A 1 5  ? 0.02956   -0.16122 -4.74566  1.000 9.98023  ? 5   28J A H22  1 
HETATM 85  H  H23  . 28J A 1 5  ? -2.44863  -0.10301 -4.80854  1.000 12.81124 ? 5   28J A H23  1 
HETATM 86  H  H24  . 28J A 1 5  ? -1.70135  0.37539  -6.12071  1.000 12.81124 ? 5   28J A H24  1 
HETATM 87  H  H25  . 28J A 1 5  ? -2.27419  1.44391  -5.10129  1.000 12.81124 ? 5   28J A H25  1 
HETATM 88  H  H26  . 28J A 1 5  ? 1.09727   1.81474  -4.32969  1.000 15.50713 ? 5   28J A H26  1 
HETATM 89  H  H27  . 28J A 1 5  ? -0.27092  2.59099  -4.19776  1.000 15.50713 ? 5   28J A H27  1 
HETATM 90  H  H28  . 28J A 1 5  ? 0.46032   1.46397  -6.67985  1.000 27.39081 ? 5   28J A H28  1 
HETATM 91  H  H29  . 28J A 1 5  ? -0.59215  2.62281  -6.43797  1.000 27.39081 ? 5   28J A H29  1 
HETATM 92  H  H30  . 28J A 1 5  ? 0.95751   2.91759  -6.29397  1.000 27.39081 ? 5   28J A H30  1 
ATOM   93  N  N    . ILE A 1 6  ? 0.29073   1.80199  -1.31157  1.000 4.16232  ? 6   ILE A N    1 
ATOM   94  C  CA   . ILE A 1 6  ? 1.32619   2.22155  -0.37508  1.000 7.99135  ? 6   ILE A CA   1 
ATOM   95  C  C    . ILE A 1 6  ? 0.80647   1.92939  1.02514   1.000 5.98307  ? 6   ILE A C    1 
ATOM   96  O  O    . ILE A 1 6  ? -0.24970  2.43018  1.40612   1.000 7.43547  ? 6   ILE A O    1 
ATOM   97  C  CB   . ILE A 1 6  ? 1.67385   3.71790  -0.54295  1.000 11.16102 ? 6   ILE A CB   1 
ATOM   98  C  CG1  . ILE A 1 6  ? 2.02671   4.03590  -2.00072  1.000 17.70753 ? 6   ILE A CG1  1 
ATOM   99  C  CG2  . ILE A 1 6  ? 2.81727   4.11140  0.37999   1.000 12.56216 ? 6   ILE A CG2  1 
ATOM   100 C  CD1  . ILE A 1 6  ? 3.27821   3.34913  -2.50301  1.000 22.07339 ? 6   ILE A CD1  1 
ATOM   101 H  H    . ILE A 1 6  ? -0.40539  2.30676  -1.29616  1.000 5.01094  ? 6   ILE A H    1 
ATOM   102 H  HA   . ILE A 1 6  ? 2.14954   1.73470  -0.53621  1.000 9.60577  ? 6   ILE A HA   1 
ATOM   103 H  HB   . ILE A 1 6  ? 0.88966   4.23451  -0.29994  1.000 13.40938 ? 6   ILE A HB   1 
ATOM   104 H  HG12 . ILE A 1 6  ? 1.29037   3.75465  -2.56605  1.000 21.26519 ? 6   ILE A HG12 1 
ATOM   105 H  HG13 . ILE A 1 6  ? 2.16288   4.99261  -2.08481  1.000 21.26519 ? 6   ILE A HG13 1 
ATOM   106 H  HG21 . ILE A 1 6  ? 3.09199   5.01846  0.17342   1.000 15.09074 ? 6   ILE A HG21 1 
ATOM   107 H  HG22 . ILE A 1 6  ? 2.51310   4.05922  1.29958   1.000 15.09074 ? 6   ILE A HG22 1 
ATOM   108 H  HG23 . ILE A 1 6  ? 3.55884   3.50160  0.24176   1.000 15.09074 ? 6   ILE A HG23 1 
ATOM   109 H  HD11 . ILE A 1 6  ? 4.04125   3.67729  -2.00203  1.000 26.50422 ? 6   ILE A HD11 1 
ATOM   110 H  HD12 . ILE A 1 6  ? 3.18587   2.39194  -2.37583  1.000 26.50422 ? 6   ILE A HD12 1 
ATOM   111 H  HD13 . ILE A 1 6  ? 3.39100   3.54819  -3.44565  1.000 26.50422 ? 6   ILE A HD13 1 
ATOM   112 N  N    . SER A 1 7  ? 1.53126   1.11932  1.79237   1.000 5.10275  ? 7   SER A N    1 
ATOM   113 C  CA   . SER A 1 7  ? 1.01429   0.65279  3.07878   1.000 3.72620  ? 7   SER A CA   1 
ATOM   114 C  C    . SER A 1 7  ? 1.06121   1.72226  4.17214   1.000 2.26694  ? 7   SER A C    1 
ATOM   115 O  O    . SER A 1 7  ? 0.10607   1.85943  4.93845   1.000 5.61516  ? 7   SER A O    1 
ATOM   116 C  CB   . SER A 1 7  ? 1.78249   -0.58474 3.55074   1.000 2.45056  ? 7   SER A CB   1 
ATOM   117 O  OG   . SER A 1 7  ? 3.08420   -0.24982 3.98008   1.000 4.69105  ? 7   SER A OG   1 
ATOM   118 H  H    . SER A 1 7  ? 2.31588   0.82844  1.59395   1.000 6.13946  ? 7   SER A H    1 
ATOM   119 H  HA   . SER A 1 7  ? 0.08167   0.42219  2.94480   1.000 4.48759  ? 7   SER A HA   1 
ATOM   120 H  HB2  . SER A 1 7  ? 1.30246   -0.98846 4.29066   1.000 2.95683  ? 7   SER A HB2  1 
ATOM   121 H  HB3  . SER A 1 7  ? 1.84707   -1.21326 2.81476   1.000 2.95683  ? 7   SER A HB3  1 
ATOM   122 H  HG   . SER A 1 7  ? 3.47620   -0.93405 4.26951   1.000 5.64542  ? 7   SER A HG   1 
HETATM 123 N  N    . Q3S A 1 8  ? 2.16487   2.46441  4.25681   1.000 2.27377  ? 8   Q3S A N    1 
HETATM 124 C  CA   . Q3S A 1 8  ? 2.35218   3.39874  5.36498   1.000 1.91946  ? 8   Q3S A CA   1 
HETATM 125 C  C    . Q3S A 1 8  ? 3.46712   2.93372  6.30699   1.000 2.43822  ? 8   Q3S A C    1 
HETATM 126 O  O    . Q3S A 1 8  ? 3.89460   3.68678  7.21755   1.000 3.40052  ? 8   Q3S A O    1 
HETATM 127 C  C01  . Q3S A 1 8  ? 1.42479   5.35091  4.08656   1.000 4.53452  ? 8   Q3S A C01  1 
HETATM 128 C  C02  . Q3S A 1 8  ? 2.58918   4.84936  4.94250   1.000 4.52118  ? 8   Q3S A C02  1 
HETATM 129 N  N2   . Q3S A 1 8  ? 3.83429   4.94762  4.20378   1.000 4.70660  ? 8   Q3S A N2   1 
HETATM 130 H  H    . Q3S A 1 8  ? 2.79716   2.42612  3.67532   1.000 2.74467  ? 8   Q3S A H    1 
HETATM 131 H  HA   . Q3S A 1 8  ? 1.51251   3.33212  5.84603   1.000 2.31950  ? 8   Q3S A HA   1 
HETATM 132 H  H011 . Q3S A 1 8  ? 1.25580   6.28502  4.28600   1.000 5.45758  ? 8   Q3S A H011 1 
HETATM 133 H  H013 . Q3S A 1 8  ? 0.63085   4.82951  4.28328   1.000 5.45758  ? 8   Q3S A H013 1 
HETATM 134 H  H012 . Q3S A 1 8  ? 1.64941   5.25622  3.14770   1.000 5.45758  ? 8   Q3S A H012 1 
HETATM 135 H  H021 . Q3S A 1 8  ? 2.64742   5.40345  5.73654   1.000 5.44157  ? 8   Q3S A H021 1 
HETATM 136 H  H3   . Q3S A 1 8  ? 3.99075   4.40969  3.55128   1.000 5.66408  ? 8   Q3S A H3   1 
ATOM   137 N  N    . ALA A 1 9  ? 3.94876   1.70748  6.11176   1.000 3.20988  ? 9   ALA A N    1 
ATOM   138 C  CA   . ALA A 1 9  ? 5.00903   1.15791  6.95825   1.000 1.62726  ? 9   ALA A CA   1 
ATOM   139 C  C    . ALA A 1 9  ? 6.28637   1.98914  6.86000   1.000 4.54881  ? 9   ALA A C    1 
ATOM   140 O  O    . ALA A 1 9  ? 6.97538   2.21040  7.85845   1.000 3.56081  ? 9   ALA A O    1 
ATOM   141 C  CB   . ALA A 1 9  ? 5.28952   -0.28593 6.58121   1.000 2.18375  ? 9   ALA A CB   1 
ATOM   142 H  H    . ALA A 1 9  ? 3.67863   1.17223  5.49520   1.000 3.86801  ? 9   ALA A H    1 
ATOM   143 H  HA   . ALA A 1 9  ? 4.71141   1.17913  7.88122   1.000 1.96887  ? 9   ALA A HA   1 
ATOM   144 H  HB1  . ALA A 1 9  ? 4.48571   -0.81063 6.72075   1.000 2.63665  ? 9   ALA A HB1  1 
ATOM   145 H  HB2  . ALA A 1 9  ? 5.55119   -0.32349 5.64792   1.000 2.63665  ? 9   ALA A HB2  1 
ATOM   146 H  HB3  . ALA A 1 9  ? 6.00668   -0.62456 7.13970   1.000 2.63665  ? 9   ALA A HB3  1 
ATOM   147 N  N    . ARG A 1 10 ? 6.60631   2.43392  5.64575   1.000 2.60608  ? 10  ARG A N    1 
ATOM   148 C  CA   . ARG A 1 10 ? 7.71157   3.35893  5.41753   1.000 4.96539  ? 10  ARG A CA   1 
ATOM   149 C  C    . ARG A 1 10 ? 7.15648   4.74546  5.11236   1.000 3.90920  ? 10  ARG A C    1 
ATOM   150 O  O    . ARG A 1 10 ? 7.20533   5.63218  5.96880   1.000 1.86373  ? 10  ARG A O    1 
ATOM   151 C  CB   . ARG A 1 10 ? 8.61455   2.85189  4.28709   1.000 4.36883  ? 10  ARG A CB   1 
ATOM   152 C  CG   . ARG A 1 10 ? 9.33514   1.54001  4.59537   1.000 4.35109  ? 10  ARG A CG   1 
ATOM   153 C  CD   . ARG A 1 10 ? 10.44064  1.71378  5.63577   1.000 2.26101  ? 10  ARG A CD   1 
ATOM   154 N  NE   . ARG A 1 10 ? 11.47552  2.65317  5.19754   1.000 4.22510  ? 10  ARG A NE   1 
ATOM   155 C  CZ   . ARG A 1 10 ? 12.58947  2.31832  4.55105   1.000 6.37078  ? 10  ARG A CZ   1 
ATOM   156 N  NH1  . ARG A 1 10 ? 12.84800  1.05009  4.25050   1.000 6.35346  ? 10  ARG A NH1  1 
ATOM   157 N  NH2  . ARG A 1 10 ? 13.45601  3.26390  4.20524   1.000 7.05148  ? 10  ARG A NH2  1 
ATOM   158 H  H    . ARG A 1 10 ? 6.18955   2.20905  4.92788   1.000 3.14346  ? 10  ARG A H    1 
ATOM   159 H  HA   . ARG A 1 10 ? 8.25860   3.41673  6.21649   1.000 5.97463  ? 10  ARG A HA   1 
ATOM   160 H  HB2  . ARG A 1 10 ? 8.07037   2.70912  3.49692   1.000 5.25875  ? 10  ARG A HB2  1 
ATOM   161 H  HB3  . ARG A 1 10 ? 9.29126   3.52311  4.10704   1.000 5.25875  ? 10  ARG A HB3  1 
ATOM   162 H  HG2  . ARG A 1 10 ? 8.69443   0.89898  4.94104   1.000 5.23746  ? 10  ARG A HG2  1 
ATOM   163 H  HG3  . ARG A 1 10 ? 9.73848   1.19995  3.78139   1.000 5.23746  ? 10  ARG A HG3  1 
ATOM   164 H  HD2  . ARG A 1 10 ? 10.05319  2.05390  6.45741   1.000 2.72937  ? 10  ARG A HD2  1 
ATOM   165 H  HD3  . ARG A 1 10 ? 10.86201  0.85531  5.79816   1.000 2.72937  ? 10  ARG A HD3  1 
ATOM   166 H  HE   . ARG A 1 10 ? 11.35371  3.48650  5.37170   1.000 5.08628  ? 10  ARG A HE   1 
ATOM   167 H  HH11 . ARG A 1 10 ? 12.29199  0.43325  4.47407   1.000 7.64030  ? 10  ARG A HH11 1 
ATOM   168 H  HH12 . ARG A 1 10 ? 13.57131  0.84610  3.83242   1.000 7.64030  ? 10  ARG A HH12 1 
ATOM   169 H  HH21 . ARG A 1 10 ? 13.29533  4.08618  4.39929   1.000 8.47793  ? 10  ARG A HH21 1 
ATOM   170 H  HH22 . ARG A 1 10 ? 14.17766  3.05381  3.78730   1.000 8.47793  ? 10  ARG A HH22 1 
ATOM   171 N  N    . ILE A 1 11 ? 6.60889   4.95253  3.92004   1.000 2.33846  ? 11  ILE A N    1 
ATOM   172 C  CA   . ILE A 1 11 ? 5.89792   6.18170  3.59987   1.000 7.37173  ? 11  ILE A CA   1 
ATOM   173 C  C    . ILE A 1 11 ? 4.55088   6.17958  4.31414   1.000 4.15430  ? 11  ILE A C    1 
ATOM   174 O  O    . ILE A 1 11 ? 4.19004   7.14269  4.99063   1.000 5.26189  ? 11  ILE A O    1 
ATOM   175 C  CB   . ILE A 1 11 ? 5.71571   6.34250  2.07837   1.000 7.74731  ? 11  ILE A CB   1 
ATOM   176 C  CG1  . ILE A 1 11 ? 7.03454   6.76368  1.42766   1.000 14.59716 ? 11  ILE A CG1  1 
ATOM   177 C  CG2  . ILE A 1 11 ? 4.62356   7.35868  1.77199   1.000 8.59286  ? 11  ILE A CG2  1 
ATOM   178 C  CD1  . ILE A 1 11 ? 7.03374   6.63984  -0.08284  1.000 23.57602 ? 11  ILE A CD1  1 
ATOM   179 H  H    . ILE A 1 11 ? 6.63621   4.38846  3.27145   1.000 2.82231  ? 11  ILE A H    1 
ATOM   180 H  HA   . ILE A 1 11 ? 6.41579   6.94190  3.90775   1.000 8.86223  ? 11  ILE A HA   1 
ATOM   181 H  HB   . ILE A 1 11 ? 5.44795   5.48505  1.71231   1.000 9.31293  ? 11  ILE A HB   1 
ATOM   182 H  HG12 . ILE A 1 11 ? 7.20967   7.69171  1.64902   1.000 17.53274 ? 11  ILE A HG12 1 
ATOM   183 H  HG13 . ILE A 1 11 ? 7.74599   6.20076  1.77098   1.000 17.53274 ? 11  ILE A HG13 1 
ATOM   184 H  HG21 . ILE A 1 11 ? 4.70482   7.64054  0.84741   1.000 10.32759 ? 11  ILE A HG21 1 
ATOM   185 H  HG22 . ILE A 1 11 ? 3.75804   6.94546  1.91698   1.000 10.32759 ? 11  ILE A HG22 1 
ATOM   186 H  HG23 . ILE A 1 11 ? 4.72838   8.12221  2.36100   1.000 10.32759 ? 11  ILE A HG23 1 
ATOM   187 H  HD11 . ILE A 1 11 ? 6.47028   7.33543  -0.45642  1.000 28.30738 ? 11  ILE A HD11 1 
ATOM   188 H  HD12 . ILE A 1 11 ? 7.94204   6.73950  -0.40835  1.000 28.30738 ? 11  ILE A HD12 1 
ATOM   189 H  HD13 . ILE A 1 11 ? 6.68839   5.76718  -0.32796  1.000 28.30738 ? 11  ILE A HD13 1 
HETATM 190 CL CL   . CL  B 2 .  ? 5.10524   2.39337  2.71521   1.000 5.56336  ? 101 CL  A CL   1 
HETATM 191 O  O    . HOH C 3 .  ? -5.60799  -7.53684 -7.37971  1.000 8.09150  ? 201 HOH A O    1 
HETATM 192 O  O    . HOH C 3 .  ? 7.30021   0.78914  10.17878  1.000 8.71262  ? 202 HOH A O    1 
HETATM 193 O  O    . HOH C 3 .  ? 2.09371   8.73855  5.75146   1.000 12.40171 ? 203 HOH A O    1 
HETATM 194 O  O    . HOH C 3 .  ? 4.43603   3.32934  9.92129   1.000 6.36264  ? 204 HOH A O    1 
# 
loop_
_pdbx_poly_seq_scheme.asym_id 
_pdbx_poly_seq_scheme.entity_id 
_pdbx_poly_seq_scheme.seq_id 
_pdbx_poly_seq_scheme.mon_id 
_pdbx_poly_seq_scheme.ndb_seq_num 
_pdbx_poly_seq_scheme.pdb_seq_num 
_pdbx_poly_seq_scheme.auth_seq_num 
_pdbx_poly_seq_scheme.pdb_mon_id 
_pdbx_poly_seq_scheme.auth_mon_id 
_pdbx_poly_seq_scheme.pdb_strand_id 
_pdbx_poly_seq_scheme.pdb_ins_code 
_pdbx_poly_seq_scheme.hetero 
A 1 1  ZAE 1  1  1  ZAE ZAZ A . n 
A 1 2  ILE 2  2  2  ILE ILE A . n 
A 1 3  SER 3  3  3  SER SER A . n 
A 1 4  HJV 4  4  4  HJV MQ2 A . n 
A 1 5  28J 5  5  5  28J DZI A . n 
A 1 6  ILE 6  6  6  ILE ILE A . n 
A 1 7  SER 7  7  7  SER SER A . n 
A 1 8  Q3S 8  8  8  Q3S DZT A . n 
A 1 9  ALA 9  9  9  ALA ALA A . n 
A 1 10 ARG 10 10 10 ARG ARG A . n 
A 1 11 ILE 11 11 11 ILE ILE A . n 
# 
loop_
_pdbx_nonpoly_scheme.asym_id 
_pdbx_nonpoly_scheme.entity_id 
_pdbx_nonpoly_scheme.mon_id 
_pdbx_nonpoly_scheme.ndb_seq_num 
_pdbx_nonpoly_scheme.pdb_seq_num 
_pdbx_nonpoly_scheme.auth_seq_num 
_pdbx_nonpoly_scheme.pdb_mon_id 
_pdbx_nonpoly_scheme.auth_mon_id 
_pdbx_nonpoly_scheme.pdb_strand_id 
_pdbx_nonpoly_scheme.pdb_ins_code 
B 2 CL  1 101 101 CL  CL  A . 
C 3 HOH 1 201 3   HOH HOH A . 
C 3 HOH 2 202 2   HOH HOH A . 
C 3 HOH 3 203 4   HOH HOH A . 
C 3 HOH 4 204 1   HOH HOH A . 
# 
_pdbx_struct_assembly.id                   1 
_pdbx_struct_assembly.details              author_and_software_defined_assembly 
_pdbx_struct_assembly.method_details       PISA 
_pdbx_struct_assembly.oligomeric_details   dimeric 
_pdbx_struct_assembly.oligomeric_count     2 
# 
_pdbx_struct_assembly_gen.assembly_id       1 
_pdbx_struct_assembly_gen.oper_expression   1,2 
_pdbx_struct_assembly_gen.asym_id_list      A,B,C 
# 
loop_
_pdbx_struct_assembly_prop.biol_id 
_pdbx_struct_assembly_prop.type 
_pdbx_struct_assembly_prop.value 
_pdbx_struct_assembly_prop.details 
1 'ABSA (A^2)' 1030 ? 
1 MORE         -27  ? 
1 'SSA (A^2)'  2320 ? 
# 
loop_
_pdbx_struct_oper_list.id 
_pdbx_struct_oper_list.type 
_pdbx_struct_oper_list.name 
_pdbx_struct_oper_list.symmetry_operation 
_pdbx_struct_oper_list.matrix[1][1] 
_pdbx_struct_oper_list.matrix[1][2] 
_pdbx_struct_oper_list.matrix[1][3] 
_pdbx_struct_oper_list.vector[1] 
_pdbx_struct_oper_list.matrix[2][1] 
_pdbx_struct_oper_list.matrix[2][2] 
_pdbx_struct_oper_list.matrix[2][3] 
_pdbx_struct_oper_list.vector[2] 
_pdbx_struct_oper_list.matrix[3][1] 
_pdbx_struct_oper_list.matrix[3][2] 
_pdbx_struct_oper_list.matrix[3][3] 
_pdbx_struct_oper_list.vector[3] 
1 'identity operation'         1_555 x,y,z    1.0000000000  0.0000000000 0.0000000000  0.0000000000  0.0000000000 1.0000000000 0.0000000000  0.0000000000  0.0000000000  0.0000000000  1.0000000000  0.0000000000  
2 'crystal symmetry operation' 4_556 y,x,-z+1 -0.9990652718 0.0316128528 -0.0294823724 -1.5560595876 0.0316128528 0.0691583194 -0.9971046858 -6.8196456596 -0.0294823724 -0.9971046858 -0.0700930477 -7.3617870623 
# 
loop_
_pdbx_audit_revision_history.ordinal 
_pdbx_audit_revision_history.data_content_type 
_pdbx_audit_revision_history.major_revision 
_pdbx_audit_revision_history.minor_revision 
_pdbx_audit_revision_history.revision_date 
1 'Structure model' 1 0 2019-11-27 
2 'Structure model' 1 1 2020-02-19 
3 'Structure model' 1 2 2021-09-15 
4 'Structure model' 2 0 2023-11-15 
# 
_pdbx_audit_revision_details.ordinal             1 
_pdbx_audit_revision_details.revision_ordinal    1 
_pdbx_audit_revision_details.data_content_type   'Structure model' 
_pdbx_audit_revision_details.provider            repository 
_pdbx_audit_revision_details.type                'Initial release' 
_pdbx_audit_revision_details.description         ? 
_pdbx_audit_revision_details.details             ? 
# 
loop_
_pdbx_audit_revision_group.ordinal 
_pdbx_audit_revision_group.revision_ordinal 
_pdbx_audit_revision_group.data_content_type 
_pdbx_audit_revision_group.group 
1 2 'Structure model' 'Database references'  
2 3 'Structure model' Advisory               
3 3 'Structure model' 'Database references'  
4 3 'Structure model' 'Derived calculations' 
5 4 'Structure model' 'Atomic model'         
6 4 'Structure model' 'Data collection'      
# 
loop_
_pdbx_audit_revision_category.ordinal 
_pdbx_audit_revision_category.revision_ordinal 
_pdbx_audit_revision_category.data_content_type 
_pdbx_audit_revision_category.category 
1 2 'Structure model' citation                      
2 3 'Structure model' database_2                    
3 3 'Structure model' pdbx_validate_polymer_linkage 
4 3 'Structure model' struct_conn                   
5 4 'Structure model' atom_site                     
6 4 'Structure model' chem_comp_atom                
7 4 'Structure model' chem_comp_bond                
# 
loop_
_pdbx_audit_revision_item.ordinal 
_pdbx_audit_revision_item.revision_ordinal 
_pdbx_audit_revision_item.data_content_type 
_pdbx_audit_revision_item.item 
1  2 'Structure model' '_citation.journal_volume'            
2  2 'Structure model' '_citation.page_first'                
3  2 'Structure model' '_citation.page_last'                 
4  2 'Structure model' '_citation.year'                      
5  3 'Structure model' '_database_2.pdbx_DOI'                
6  3 'Structure model' '_database_2.pdbx_database_accession' 
7  3 'Structure model' '_struct_conn.pdbx_leaving_atom_flag' 
8  4 'Structure model' '_atom_site.B_iso_or_equiv'           
9  4 'Structure model' '_atom_site.Cartn_x'                  
10 4 'Structure model' '_atom_site.Cartn_y'                  
11 4 'Structure model' '_atom_site.Cartn_z'                  
12 4 'Structure model' '_atom_site.auth_atom_id'             
13 4 'Structure model' '_atom_site.label_atom_id'            
# 
loop_
_space_group_symop.id 
_space_group_symop.operation_xyz 
1 x,y,z          
2 -y,x-y,z+2/3   
3 -x+y,-x,z+1/3  
4 x-y,-y,-z+1/3  
5 -x,-x+y,-z+2/3 
6 y,x,-z         
# 
loop_
_software.citation_id 
_software.classification 
_software.compiler_name 
_software.compiler_version 
_software.contact_author 
_software.contact_author_email 
_software.date 
_software.description 
_software.dependencies 
_software.hardware 
_software.language 
_software.location 
_software.mods 
_software.name 
_software.os 
_software.os_version 
_software.type 
_software.version 
_software.pdbx_ordinal 
? refinement       ? ? ? ? ? ? ? ? ? ? ? PHENIX  ? ? ? 1.13_2998 1 
? 'data reduction' ? ? ? ? ? ? ? ? ? ? ? XDS     ? ? ? .         2 
? 'data scaling'   ? ? ? ? ? ? ? ? ? ? ? Aimless ? ? ? .         3 
? phasing          ? ? ? ? ? ? ? ? ? ? ? PHENIX  ? ? ? .         4 
# 
_pdbx_entry_details.entry_id                 6PSL 
_pdbx_entry_details.has_ligand_of_interest   N 
_pdbx_entry_details.compound_details         ? 
_pdbx_entry_details.source_details           ? 
_pdbx_entry_details.nonpolymer_details       ? 
_pdbx_entry_details.sequence_details         ? 
# 
loop_
_pdbx_validate_torsion.id 
_pdbx_validate_torsion.PDB_model_num 
_pdbx_validate_torsion.auth_comp_id 
_pdbx_validate_torsion.auth_asym_id 
_pdbx_validate_torsion.auth_seq_id 
_pdbx_validate_torsion.PDB_ins_code 
_pdbx_validate_torsion.label_alt_id 
_pdbx_validate_torsion.phi 
_pdbx_validate_torsion.psi 
1 1 Q3S A 8  ? ? 110.95  -9.45  
2 1 ARG A 10 ? ? -106.09 -73.97 
# 
loop_
_chem_comp_atom.comp_id 
_chem_comp_atom.atom_id 
_chem_comp_atom.type_symbol 
_chem_comp_atom.pdbx_aromatic_flag 
_chem_comp_atom.pdbx_stereo_config 
_chem_comp_atom.pdbx_ordinal 
28J N    N  N N 1   
28J CA   C  N R 2   
28J CB   C  N S 3   
28J CG2  C  N N 4   
28J CG1  C  N N 5   
28J CD1  C  N N 6   
28J C    C  N N 7   
28J O    O  N N 8   
28J H    H  N N 9   
28J HA   H  N N 10  
28J H22  H  N N 11  
28J H23  H  N N 12  
28J H24  H  N N 13  
28J H25  H  N N 14  
28J H26  H  N N 15  
28J H27  H  N N 16  
28J H28  H  N N 17  
28J H29  H  N N 18  
28J H30  H  N N 19  
28J H2   H  N N 20  
28J OXT  O  N N 21  
28J HXT  H  N N 22  
ALA N    N  N N 23  
ALA CA   C  N S 24  
ALA C    C  N N 25  
ALA O    O  N N 26  
ALA CB   C  N N 27  
ALA OXT  O  N N 28  
ALA H    H  N N 29  
ALA H2   H  N N 30  
ALA HA   H  N N 31  
ALA HB1  H  N N 32  
ALA HB2  H  N N 33  
ALA HB3  H  N N 34  
ALA HXT  H  N N 35  
ARG N    N  N N 36  
ARG CA   C  N S 37  
ARG C    C  N N 38  
ARG O    O  N N 39  
ARG CB   C  N N 40  
ARG CG   C  N N 41  
ARG CD   C  N N 42  
ARG NE   N  N N 43  
ARG CZ   C  N N 44  
ARG NH1  N  N N 45  
ARG NH2  N  N N 46  
ARG OXT  O  N N 47  
ARG H    H  N N 48  
ARG H2   H  N N 49  
ARG HA   H  N N 50  
ARG HB2  H  N N 51  
ARG HB3  H  N N 52  
ARG HG2  H  N N 53  
ARG HG3  H  N N 54  
ARG HD2  H  N N 55  
ARG HD3  H  N N 56  
ARG HE   H  N N 57  
ARG HH11 H  N N 58  
ARG HH12 H  N N 59  
ARG HH21 H  N N 60  
ARG HH22 H  N N 61  
ARG HXT  H  N N 62  
CL  CL   CL N N 63  
HJV CN   C  N N 64  
HJV N    N  N N 65  
HJV CA   C  N R 66  
HJV CB   C  N N 67  
HJV CG   C  N N 68  
HJV CD   C  N N 69  
HJV NE2  N  N N 70  
HJV OE1  O  N N 71  
HJV C    C  N N 72  
HJV O    O  N N 73  
HJV OXT  O  N N 74  
HJV HN11 H  N N 75  
HJV HN12 H  N N 76  
HJV HN13 H  N N 77  
HJV H    H  N N 78  
HJV HA   H  N N 79  
HJV HB2  H  N N 80  
HJV HB1  H  N N 81  
HJV HG2  H  N N 82  
HJV HG1  H  N N 83  
HJV H11  H  N N 84  
HJV H10  H  N N 85  
HJV HXT  H  N N 86  
HOH O    O  N N 87  
HOH H1   H  N N 88  
HOH H2   H  N N 89  
ILE N    N  N N 90  
ILE CA   C  N S 91  
ILE C    C  N N 92  
ILE O    O  N N 93  
ILE CB   C  N S 94  
ILE CG1  C  N N 95  
ILE CG2  C  N N 96  
ILE CD1  C  N N 97  
ILE OXT  O  N N 98  
ILE H    H  N N 99  
ILE H2   H  N N 100 
ILE HA   H  N N 101 
ILE HB   H  N N 102 
ILE HG12 H  N N 103 
ILE HG13 H  N N 104 
ILE HG21 H  N N 105 
ILE HG22 H  N N 106 
ILE HG23 H  N N 107 
ILE HD11 H  N N 108 
ILE HD12 H  N N 109 
ILE HD13 H  N N 110 
ILE HXT  H  N N 111 
Q3S N    N  N N 112 
Q3S CA   C  N R 113 
Q3S C    C  N N 114 
Q3S O    O  N N 115 
Q3S C01  C  N N 116 
Q3S C02  C  N S 117 
Q3S N2   N  N N 118 
Q3S OXT  O  N N 119 
Q3S H2   H  N N 120 
Q3S H    H  N N 121 
Q3S HA   H  N N 122 
Q3S H011 H  N N 123 
Q3S H013 H  N N 124 
Q3S H012 H  N N 125 
Q3S H021 H  N N 126 
Q3S H3   H  N N 127 
Q3S H4   H  N N 128 
Q3S HXT  H  N N 129 
SER N    N  N N 130 
SER CA   C  N S 131 
SER C    C  N N 132 
SER O    O  N N 133 
SER CB   C  N N 134 
SER OG   O  N N 135 
SER OXT  O  N N 136 
SER H    H  N N 137 
SER H2   H  N N 138 
SER HA   H  N N 139 
SER HB2  H  N N 140 
SER HB3  H  N N 141 
SER HG   H  N N 142 
SER HXT  H  N N 143 
ZAE N    N  N N 144 
ZAE CA   C  N R 145 
ZAE C    C  N N 146 
ZAE O    O  N N 147 
ZAE OXT  O  N N 148 
ZAE CB   C  N N 149 
ZAE CG   C  Y N 150 
ZAE CD1  C  Y N 151 
ZAE CD2  C  Y N 152 
ZAE CE1  C  Y N 153 
ZAE CE2  C  Y N 154 
ZAE CZ   C  Y N 155 
ZAE C10  C  N N 156 
ZAE H    H  N N 157 
ZAE HA   H  N N 158 
ZAE HXT  H  N N 159 
ZAE HB2  H  N N 160 
ZAE HB3  H  N N 161 
ZAE HD1  H  N N 162 
ZAE HD2  H  N N 163 
ZAE HE1  H  N N 164 
ZAE HE2  H  N N 165 
ZAE HZ   H  N N 166 
ZAE H11  H  N N 167 
ZAE H12  H  N N 168 
ZAE H13  H  N N 169 
# 
loop_
_chem_comp_bond.comp_id 
_chem_comp_bond.atom_id_1 
_chem_comp_bond.atom_id_2 
_chem_comp_bond.value_order 
_chem_comp_bond.pdbx_aromatic_flag 
_chem_comp_bond.pdbx_stereo_config 
_chem_comp_bond.pdbx_ordinal 
28J CG2 CB   sing N N 1   
28J CB  CG1  sing N N 2   
28J CB  CA   sing N N 3   
28J CG1 CD1  sing N N 4   
28J CA  N    sing N N 5   
28J CA  C    sing N N 6   
28J C   O    doub N N 7   
28J N   H    sing N N 8   
28J CA  HA   sing N N 9   
28J CB  H22  sing N N 10  
28J CG2 H23  sing N N 11  
28J CG2 H24  sing N N 12  
28J CG2 H25  sing N N 13  
28J CG1 H26  sing N N 14  
28J CG1 H27  sing N N 15  
28J CD1 H28  sing N N 16  
28J CD1 H29  sing N N 17  
28J CD1 H30  sing N N 18  
28J N   H2   sing N N 19  
28J C   OXT  sing N N 20  
28J OXT HXT  sing N N 21  
ALA N   CA   sing N N 22  
ALA N   H    sing N N 23  
ALA N   H2   sing N N 24  
ALA CA  C    sing N N 25  
ALA CA  CB   sing N N 26  
ALA CA  HA   sing N N 27  
ALA C   O    doub N N 28  
ALA C   OXT  sing N N 29  
ALA CB  HB1  sing N N 30  
ALA CB  HB2  sing N N 31  
ALA CB  HB3  sing N N 32  
ALA OXT HXT  sing N N 33  
ARG N   CA   sing N N 34  
ARG N   H    sing N N 35  
ARG N   H2   sing N N 36  
ARG CA  C    sing N N 37  
ARG CA  CB   sing N N 38  
ARG CA  HA   sing N N 39  
ARG C   O    doub N N 40  
ARG C   OXT  sing N N 41  
ARG CB  CG   sing N N 42  
ARG CB  HB2  sing N N 43  
ARG CB  HB3  sing N N 44  
ARG CG  CD   sing N N 45  
ARG CG  HG2  sing N N 46  
ARG CG  HG3  sing N N 47  
ARG CD  NE   sing N N 48  
ARG CD  HD2  sing N N 49  
ARG CD  HD3  sing N N 50  
ARG NE  CZ   sing N N 51  
ARG NE  HE   sing N N 52  
ARG CZ  NH1  sing N N 53  
ARG CZ  NH2  doub N N 54  
ARG NH1 HH11 sing N N 55  
ARG NH1 HH12 sing N N 56  
ARG NH2 HH21 sing N N 57  
ARG NH2 HH22 sing N N 58  
ARG OXT HXT  sing N N 59  
HJV CG  CD   sing N N 60  
HJV CG  CB   sing N N 61  
HJV NE2 CD   sing N N 62  
HJV CD  OE1  doub N N 63  
HJV CB  CA   sing N N 64  
HJV C   CA   sing N N 65  
HJV C   O    doub N N 66  
HJV CA  N    sing N N 67  
HJV CN  N    sing N N 68  
HJV C   OXT  sing N N 69  
HJV CN  HN11 sing N N 70  
HJV CN  HN12 sing N N 71  
HJV CN  HN13 sing N N 72  
HJV N   H    sing N N 73  
HJV CA  HA   sing N N 74  
HJV CB  HB2  sing N N 75  
HJV CB  HB1  sing N N 76  
HJV CG  HG2  sing N N 77  
HJV CG  HG1  sing N N 78  
HJV NE2 H11  sing N N 79  
HJV NE2 H10  sing N N 80  
HJV OXT HXT  sing N N 81  
HOH O   H1   sing N N 82  
HOH O   H2   sing N N 83  
ILE N   CA   sing N N 84  
ILE N   H    sing N N 85  
ILE N   H2   sing N N 86  
ILE CA  C    sing N N 87  
ILE CA  CB   sing N N 88  
ILE CA  HA   sing N N 89  
ILE C   O    doub N N 90  
ILE C   OXT  sing N N 91  
ILE CB  CG1  sing N N 92  
ILE CB  CG2  sing N N 93  
ILE CB  HB   sing N N 94  
ILE CG1 CD1  sing N N 95  
ILE CG1 HG12 sing N N 96  
ILE CG1 HG13 sing N N 97  
ILE CG2 HG21 sing N N 98  
ILE CG2 HG22 sing N N 99  
ILE CG2 HG23 sing N N 100 
ILE CD1 HD11 sing N N 101 
ILE CD1 HD12 sing N N 102 
ILE CD1 HD13 sing N N 103 
ILE OXT HXT  sing N N 104 
Q3S O   C    doub N N 105 
Q3S N2  C02  sing N N 106 
Q3S C   CA   sing N N 107 
Q3S C02 CA   sing N N 108 
Q3S C02 C01  sing N N 109 
Q3S CA  N    sing N N 110 
Q3S C   OXT  sing N N 111 
Q3S N   H2   sing N N 112 
Q3S N   H    sing N N 113 
Q3S CA  HA   sing N N 114 
Q3S C01 H011 sing N N 115 
Q3S C01 H013 sing N N 116 
Q3S C01 H012 sing N N 117 
Q3S C02 H021 sing N N 118 
Q3S N2  H3   sing N N 119 
Q3S N2  H4   sing N N 120 
Q3S OXT HXT  sing N N 121 
SER N   CA   sing N N 122 
SER N   H    sing N N 123 
SER N   H2   sing N N 124 
SER CA  C    sing N N 125 
SER CA  CB   sing N N 126 
SER CA  HA   sing N N 127 
SER C   O    doub N N 128 
SER C   OXT  sing N N 129 
SER CB  OG   sing N N 130 
SER CB  HB2  sing N N 131 
SER CB  HB3  sing N N 132 
SER OG  HG   sing N N 133 
SER OXT HXT  sing N N 134 
ZAE N   CA   sing N N 135 
ZAE N   C10  sing N N 136 
ZAE N   H    sing N N 137 
ZAE CA  C    sing N N 138 
ZAE CA  CB   sing N N 139 
ZAE CA  HA   sing N N 140 
ZAE C   O    doub N N 141 
ZAE C   OXT  sing N N 142 
ZAE OXT HXT  sing N N 143 
ZAE CB  CG   sing N N 144 
ZAE CB  HB2  sing N N 145 
ZAE CB  HB3  sing N N 146 
ZAE CG  CD1  doub Y N 147 
ZAE CG  CD2  sing Y N 148 
ZAE CD1 CE1  sing Y N 149 
ZAE CD1 HD1  sing N N 150 
ZAE CD2 CE2  doub Y N 151 
ZAE CD2 HD2  sing N N 152 
ZAE CE1 CZ   doub Y N 153 
ZAE CE1 HE1  sing N N 154 
ZAE CE2 CZ   sing Y N 155 
ZAE CE2 HE2  sing N N 156 
ZAE CZ  HZ   sing N N 157 
ZAE C10 H11  sing N N 158 
ZAE C10 H12  sing N N 159 
ZAE C10 H13  sing N N 160 
# 
loop_
_pdbx_audit_support.funding_organization 
_pdbx_audit_support.country 
_pdbx_audit_support.grant_number 
_pdbx_audit_support.ordinal 
'National Institutes of Health/National Institute Of Allergy and Infectious Diseases (NIH/NIAID)' 'United States' 1R21AI121548-01 
1 
'National Institutes of Health/National Institute Of Allergy and Infectious Diseases (NIH/NIAID)' 'United States' R56AI137258     
2 
# 
loop_
_pdbx_entity_nonpoly.entity_id 
_pdbx_entity_nonpoly.name 
_pdbx_entity_nonpoly.comp_id 
2 'CHLORIDE ION' CL  
3 water          HOH 
# 
_pdbx_struct_assembly_auth_evidence.id                     1 
_pdbx_struct_assembly_auth_evidence.assembly_id            1 
_pdbx_struct_assembly_auth_evidence.experimental_support   none 
_pdbx_struct_assembly_auth_evidence.details                ? 
# 
_space_group.name_H-M_alt     'P 32 2 1' 
_space_group.name_Hall        
;P 32 2"
;
_space_group.IT_number        154 
_space_group.crystal_system   trigonal 
_space_group.id               1 
# 
